data_5E3U
#
_entry.id   5E3U
#
_cell.length_a   88.134
_cell.length_b   88.134
_cell.length_c   155.757
_cell.angle_alpha   90.000
_cell.angle_beta   90.000
_cell.angle_gamma   90.000
#
_symmetry.space_group_name_H-M   'P 43 21 2'
#
loop_
_entity.id
_entity.type
_entity.pdbx_description
1 polymer 'Phosphatidylinositol-4-phosphate 5-kinase, type I, alpha'
2 non-polymer 'PHOSPHOAMINOPHOSPHONIC ACID-ADENYLATE ESTER'
3 non-polymer 'MANGANESE (II) ION'
4 non-polymer 'SELENATE ION'
5 water water
#
_entity_poly.entity_id   1
_entity_poly.type   'polypeptide(L)'
_entity_poly.pdbx_seq_one_letter_code
;KTTSSALKGAIQLGITHSVGSLSQKPERDVLMQDFEVVESIFFPSQGSSSTPGHHHGDFKFKTYAPIAFRYFREMFGIRP
DDYLYSLCNEPLIELSNPGASGSLFYVSSDDEFIIKTVQHKEAEFLQTLLPGYFMNLNQNMRTLLPKFYGLYCVQADGKN
IRIVVMNNLLPRAVPMHLKFDLKGSTYKRRASPKERSKGVPTYKDLDFMQDMPEGILLENDHYTALSRTMQRDCRVLQSF
KIMDYSLLVGIHILHRAGEEASTAVPDTQKKGQGQKPLYCTAIESIQGESKSKTSPQPYESMGGIPAFNSKGERLLVFIG
IIDILQSYRLVKKLEHSWKALLHDGDTVSVHRPSFYADRFQKFMCSTVFRKS
;
_entity_poly.pdbx_strand_id   A
#
# COMPACT_ATOMS: atom_id res chain seq x y z
N THR A 2 -1.34 21.80 12.92
CA THR A 2 -0.15 21.35 12.12
C THR A 2 -0.04 22.15 10.81
N THR A 3 1.11 22.04 10.17
CA THR A 3 1.30 22.56 8.82
C THR A 3 0.85 21.47 7.85
N SER A 4 -0.32 20.90 8.11
CA SER A 4 -0.80 19.70 7.42
C SER A 4 -1.48 20.10 6.12
N SER A 5 -2.60 20.82 6.25
CA SER A 5 -3.27 21.40 5.09
C SER A 5 -2.26 22.03 4.14
N ALA A 6 -1.20 22.59 4.73
CA ALA A 6 -0.07 23.09 3.97
C ALA A 6 0.52 22.00 3.09
N LEU A 7 0.81 20.86 3.69
CA LEU A 7 1.32 19.73 2.94
C LEU A 7 0.28 19.20 1.97
N LYS A 8 -0.92 18.87 2.46
CA LYS A 8 -1.98 18.37 1.58
C LYS A 8 -1.89 19.07 0.22
N GLY A 9 -1.77 20.39 0.23
CA GLY A 9 -1.65 21.15 -1.01
C GLY A 9 -0.42 20.79 -1.82
N ALA A 10 0.74 20.86 -1.18
CA ALA A 10 2.02 20.62 -1.86
C ALA A 10 1.95 19.36 -2.70
N ILE A 11 1.23 18.39 -2.17
CA ILE A 11 1.01 17.15 -2.86
C ILE A 11 0.19 17.41 -4.11
N GLN A 12 -1.05 17.85 -3.95
CA GLN A 12 -1.94 17.97 -5.10
C GLN A 12 -1.38 18.97 -6.13
N LEU A 13 -0.87 20.11 -5.67
CA LEU A 13 -0.18 21.05 -6.55
C LEU A 13 0.95 20.27 -7.26
N GLY A 14 1.80 19.62 -6.46
CA GLY A 14 3.05 19.01 -6.92
C GLY A 14 2.90 17.86 -7.89
N ILE A 15 1.96 16.96 -7.59
CA ILE A 15 1.71 15.81 -8.46
C ILE A 15 1.16 16.24 -9.81
N THR A 16 0.10 17.06 -9.76
CA THR A 16 -0.56 17.49 -10.99
C THR A 16 0.46 17.97 -11.98
N HIS A 17 1.36 18.83 -11.52
CA HIS A 17 2.48 19.24 -12.35
C HIS A 17 3.26 17.99 -12.77
N SER A 18 3.81 17.29 -11.78
CA SER A 18 4.65 16.13 -12.04
C SER A 18 4.16 15.19 -13.14
N VAL A 19 2.85 14.99 -13.19
CA VAL A 19 2.27 13.99 -14.05
C VAL A 19 1.89 14.55 -15.40
N GLY A 20 1.29 15.73 -15.38
CA GLY A 20 0.97 16.41 -16.62
C GLY A 20 2.26 16.63 -17.36
N SER A 21 3.25 17.12 -16.62
CA SER A 21 4.64 17.14 -17.03
C SER A 21 5.03 15.91 -17.86
N LEU A 22 4.56 14.74 -17.43
CA LEU A 22 4.91 13.51 -18.11
C LEU A 22 4.12 13.31 -19.39
N SER A 23 2.81 13.46 -19.30
CA SER A 23 1.94 13.19 -20.44
C SER A 23 2.29 14.08 -21.67
N GLN A 24 3.22 15.01 -21.52
CA GLN A 24 3.94 15.54 -22.68
C GLN A 24 4.78 14.39 -23.26
N LYS A 25 5.94 14.14 -22.65
CA LYS A 25 6.90 13.16 -23.15
C LYS A 25 6.20 11.86 -23.56
N PRO A 26 6.46 11.39 -24.80
CA PRO A 26 5.78 10.23 -25.39
C PRO A 26 6.17 8.92 -24.74
N GLU A 27 5.31 7.92 -24.89
CA GLU A 27 5.48 6.67 -24.18
C GLU A 27 6.72 5.97 -24.68
N ARG A 28 7.31 5.18 -23.80
CA ARG A 28 8.48 4.40 -24.13
C ARG A 28 8.68 3.39 -23.03
N ASP A 29 9.25 2.24 -23.36
CA ASP A 29 9.50 1.19 -22.41
C ASP A 29 10.35 1.71 -21.28
N VAL A 30 10.26 1.05 -20.14
CA VAL A 30 11.03 1.48 -18.99
C VAL A 30 12.36 0.73 -18.95
N LEU A 31 13.37 1.50 -18.57
CA LEU A 31 14.74 1.05 -18.55
C LEU A 31 15.31 1.11 -17.17
N MET A 32 16.33 0.27 -16.97
CA MET A 32 16.93 0.08 -15.66
C MET A 32 17.38 1.41 -15.08
N GLN A 33 17.72 2.34 -15.95
CA GLN A 33 17.95 3.72 -15.58
C GLN A 33 16.70 4.22 -14.87
N ASP A 34 15.58 4.25 -15.58
CA ASP A 34 14.44 5.10 -15.17
C ASP A 34 14.02 4.95 -13.71
N PHE A 35 14.54 3.90 -13.05
CA PHE A 35 14.33 3.62 -11.64
C PHE A 35 15.10 4.55 -10.71
N GLU A 36 16.40 4.66 -10.94
CA GLU A 36 17.25 5.50 -10.10
C GLU A 36 16.87 6.97 -10.14
N VAL A 37 16.29 7.43 -11.25
CA VAL A 37 16.10 8.87 -11.43
C VAL A 37 15.16 9.45 -10.38
N VAL A 38 15.32 10.76 -10.14
CA VAL A 38 14.44 11.56 -9.27
C VAL A 38 14.40 12.99 -9.77
N GLU A 39 13.22 13.47 -10.13
CA GLU A 39 13.05 14.83 -10.64
C GLU A 39 12.51 15.77 -9.56
N SER A 40 13.00 17.00 -9.56
CA SER A 40 12.50 18.00 -8.61
C SER A 40 11.77 19.15 -9.32
N ILE A 41 10.95 19.88 -8.59
CA ILE A 41 10.23 21.00 -9.16
C ILE A 41 10.06 22.06 -8.07
N PHE A 42 10.60 23.26 -8.32
CA PHE A 42 10.50 24.39 -7.39
C PHE A 42 9.10 24.99 -7.45
N PHE A 43 8.44 25.08 -6.29
CA PHE A 43 7.07 25.62 -6.19
C PHE A 43 7.02 26.85 -5.29
N PRO A 44 7.32 28.04 -5.85
CA PRO A 44 7.30 29.24 -5.02
C PRO A 44 5.87 29.68 -4.68
N SER A 45 5.72 30.45 -3.60
CA SER A 45 4.40 30.91 -3.18
C SER A 45 3.87 32.01 -4.11
N GLN A 46 4.76 32.62 -4.90
CA GLN A 46 4.35 33.42 -6.07
C GLN A 46 4.13 32.49 -7.27
N GLY A 47 5.20 31.91 -7.79
CA GLY A 47 5.10 30.87 -8.82
C GLY A 47 5.45 31.36 -10.21
N SER A 48 6.47 30.74 -10.83
CA SER A 48 6.89 31.12 -12.18
C SER A 48 5.79 30.84 -13.21
N SER A 49 6.02 31.26 -14.44
CA SER A 49 5.18 30.86 -15.56
C SER A 49 5.71 29.51 -15.98
N SER A 50 5.46 28.53 -15.11
CA SER A 50 6.15 27.27 -15.12
C SER A 50 5.72 26.46 -13.90
N THR A 51 5.86 27.06 -12.71
CA THR A 51 5.46 26.44 -11.44
C THR A 51 4.40 27.23 -10.65
N PRO A 52 3.36 27.76 -11.34
CA PRO A 52 2.63 28.91 -10.79
C PRO A 52 1.60 28.59 -9.70
N GLY A 53 1.02 29.63 -9.10
CA GLY A 53 -0.18 29.55 -8.24
C GLY A 53 0.16 29.83 -6.78
N HIS A 54 -0.58 29.24 -5.85
CA HIS A 54 0.01 28.81 -4.56
C HIS A 54 -0.56 29.41 -3.26
N HIS A 55 -0.02 30.55 -2.79
CA HIS A 55 -0.27 31.12 -1.44
C HIS A 55 -0.48 30.06 -0.34
N HIS A 56 0.59 29.30 -0.04
CA HIS A 56 0.51 28.05 0.77
C HIS A 56 1.77 27.72 1.61
N GLY A 57 2.95 28.20 1.18
CA GLY A 57 4.20 28.01 1.93
C GLY A 57 5.25 27.34 1.05
N ASP A 58 6.27 28.08 0.64
CA ASP A 58 7.28 27.62 -0.36
C ASP A 58 7.84 26.20 -0.19
N PHE A 59 7.98 25.49 -1.31
CA PHE A 59 8.53 24.12 -1.33
C PHE A 59 9.06 23.65 -2.69
N LYS A 60 9.78 22.53 -2.66
CA LYS A 60 10.17 21.77 -3.85
C LYS A 60 9.44 20.39 -3.84
N PHE A 61 9.08 19.90 -5.03
CA PHE A 61 8.40 18.60 -5.15
C PHE A 61 9.25 17.52 -5.86
N LYS A 62 9.83 16.63 -5.07
CA LYS A 62 10.66 15.54 -5.60
C LYS A 62 9.74 14.40 -6.15
N THR A 63 9.86 14.11 -7.45
CA THR A 63 9.15 13.03 -8.11
C THR A 63 10.16 11.90 -8.37
N TYR A 64 9.78 10.65 -8.14
CA TYR A 64 10.74 9.52 -8.13
C TYR A 64 10.52 8.47 -9.21
N ALA A 65 11.59 8.13 -9.91
CA ALA A 65 11.56 7.06 -10.88
C ALA A 65 10.35 7.14 -11.79
N PRO A 66 10.07 8.33 -12.30
CA PRO A 66 8.74 8.57 -12.82
C PRO A 66 8.33 7.62 -13.95
N ILE A 67 9.24 7.28 -14.84
CA ILE A 67 8.83 6.47 -15.98
C ILE A 67 8.49 5.06 -15.51
N ALA A 68 9.08 4.67 -14.39
CA ALA A 68 8.77 3.40 -13.82
C ALA A 68 7.37 3.45 -13.29
N PHE A 69 7.06 4.49 -12.52
CA PHE A 69 5.74 4.56 -11.92
C PHE A 69 4.63 4.83 -12.92
N ARG A 70 4.97 5.41 -14.06
CA ARG A 70 4.00 5.51 -15.13
C ARG A 70 3.65 4.09 -15.53
N TYR A 71 4.69 3.29 -15.77
CA TYR A 71 4.54 1.89 -16.17
C TYR A 71 3.70 1.14 -15.19
N PHE A 72 3.96 1.35 -13.90
CA PHE A 72 3.24 0.59 -12.91
C PHE A 72 1.77 0.96 -12.97
N ARG A 73 1.47 2.25 -12.93
CA ARG A 73 0.07 2.68 -13.02
C ARG A 73 -0.56 2.01 -14.21
N GLU A 74 0.14 2.11 -15.32
CA GLU A 74 -0.36 1.57 -16.55
C GLU A 74 -0.76 0.13 -16.31
N MET A 75 0.13 -0.64 -15.69
CA MET A 75 -0.06 -2.08 -15.50
C MET A 75 -1.09 -2.39 -14.46
N PHE A 76 -1.27 -1.49 -13.51
CA PHE A 76 -2.33 -1.67 -12.52
C PHE A 76 -3.62 -1.11 -13.07
N GLY A 77 -3.57 -0.65 -14.32
CA GLY A 77 -4.72 -0.02 -14.94
C GLY A 77 -5.16 1.22 -14.21
N ILE A 78 -4.30 2.22 -14.18
CA ILE A 78 -4.68 3.51 -13.60
C ILE A 78 -4.46 4.69 -14.56
N ARG A 79 -5.58 5.12 -15.17
CA ARG A 79 -5.55 6.17 -16.14
C ARG A 79 -5.22 7.48 -15.44
N PRO A 80 -4.15 8.16 -15.88
CA PRO A 80 -3.73 9.44 -15.35
C PRO A 80 -4.81 10.45 -15.01
N ASP A 81 -5.81 10.61 -15.86
CA ASP A 81 -6.86 11.56 -15.53
C ASP A 81 -7.58 11.08 -14.27
N ASP A 82 -7.90 9.79 -14.21
CA ASP A 82 -8.49 9.19 -13.02
C ASP A 82 -7.61 9.44 -11.78
N TYR A 83 -6.31 9.18 -11.91
CA TYR A 83 -5.31 9.36 -10.84
C TYR A 83 -5.24 10.82 -10.42
N LEU A 84 -4.90 11.69 -11.35
CA LEU A 84 -4.87 13.09 -11.04
C LEU A 84 -6.17 13.53 -10.40
N TYR A 85 -7.32 13.18 -10.98
CA TYR A 85 -8.57 13.71 -10.45
C TYR A 85 -8.71 13.36 -8.98
N SER A 86 -8.92 12.06 -8.73
CA SER A 86 -9.31 11.58 -7.41
C SER A 86 -8.32 12.00 -6.32
N LEU A 87 -7.09 12.24 -6.76
CA LEU A 87 -5.99 12.59 -5.87
C LEU A 87 -5.79 14.09 -5.75
N CYS A 88 -5.86 14.79 -6.87
CA CYS A 88 -5.54 16.20 -6.86
C CYS A 88 -6.71 17.14 -6.88
N ASN A 89 -7.86 16.71 -7.41
CA ASN A 89 -9.03 17.59 -7.52
C ASN A 89 -10.16 17.17 -6.58
N GLU A 90 -9.80 16.87 -5.34
CA GLU A 90 -10.74 16.33 -4.37
C GLU A 90 -9.95 16.18 -3.08
N PRO A 91 -10.39 16.86 -2.02
CA PRO A 91 -9.62 17.07 -0.80
C PRO A 91 -9.11 15.79 -0.13
N LEU A 92 -7.90 15.87 0.40
CA LEU A 92 -7.25 14.72 1.00
C LEU A 92 -7.63 14.64 2.45
N ILE A 93 -7.86 13.41 2.91
CA ILE A 93 -8.45 13.22 4.24
C ILE A 93 -7.51 12.38 5.14
N GLU A 94 -7.16 12.95 6.30
CA GLU A 94 -6.16 12.37 7.21
C GLU A 94 -6.68 11.11 7.88
N LEU A 95 -5.86 10.56 8.78
CA LEU A 95 -6.17 9.30 9.44
C LEU A 95 -5.35 9.02 10.70
N SER A 96 -5.96 8.33 11.67
CA SER A 96 -5.28 7.86 12.88
C SER A 96 -4.63 6.47 12.63
N ASN A 97 -3.46 6.23 13.23
CA ASN A 97 -2.76 4.94 13.15
C ASN A 97 -1.65 4.82 14.19
N GLY A 102 4.84 5.57 14.36
CA GLY A 102 4.90 6.72 13.48
C GLY A 102 4.54 6.36 12.05
N SER A 103 4.43 7.38 11.19
CA SER A 103 3.96 7.23 9.78
C SER A 103 2.49 7.70 9.64
N LEU A 104 2.29 8.88 9.04
CA LEU A 104 0.95 9.48 8.83
C LEU A 104 0.32 9.03 7.51
N PHE A 105 -0.88 8.44 7.60
CA PHE A 105 -1.68 8.09 6.44
C PHE A 105 -2.64 9.24 6.03
N TYR A 106 -3.02 9.25 4.75
CA TYR A 106 -4.02 10.18 4.20
C TYR A 106 -4.81 9.37 3.21
N VAL A 107 -6.00 9.83 2.82
CA VAL A 107 -6.86 9.08 1.89
C VAL A 107 -7.50 9.98 0.86
N SER A 108 -7.80 9.38 -0.30
CA SER A 108 -8.49 10.07 -1.38
C SER A 108 -9.94 10.23 -1.00
N SER A 109 -10.51 11.35 -1.42
CA SER A 109 -11.88 11.62 -1.07
C SER A 109 -12.71 10.42 -1.48
N ASP A 110 -12.36 9.82 -2.62
CA ASP A 110 -13.11 8.67 -3.13
C ASP A 110 -12.64 7.30 -2.64
N ASP A 111 -11.85 7.26 -1.58
CA ASP A 111 -11.45 6.01 -0.91
C ASP A 111 -10.69 5.00 -1.78
N GLU A 112 -10.18 5.42 -2.93
CA GLU A 112 -9.46 4.53 -3.85
C GLU A 112 -8.01 4.43 -3.43
N PHE A 113 -7.42 5.54 -3.03
CA PHE A 113 -5.98 5.60 -2.80
C PHE A 113 -5.59 5.94 -1.36
N ILE A 114 -4.53 5.31 -0.86
CA ILE A 114 -3.91 5.67 0.43
C ILE A 114 -2.58 6.38 0.23
N ILE A 115 -2.19 7.18 1.22
CA ILE A 115 -0.85 7.74 1.24
C ILE A 115 -0.10 7.59 2.57
N LYS A 116 0.77 6.58 2.66
CA LYS A 116 1.76 6.52 3.73
C LYS A 116 2.84 7.56 3.51
N THR A 117 3.49 7.90 4.61
CA THR A 117 4.69 8.70 4.58
C THR A 117 5.80 7.71 4.73
N VAL A 118 7.04 8.15 4.61
CA VAL A 118 8.14 7.21 4.83
C VAL A 118 9.46 7.79 5.32
N GLN A 119 10.01 7.04 6.29
CA GLN A 119 11.39 7.14 6.71
C GLN A 119 12.22 7.13 5.44
N HIS A 120 13.06 8.15 5.29
CA HIS A 120 14.06 8.18 4.24
C HIS A 120 14.77 6.79 4.10
N LYS A 121 15.11 6.17 5.22
CA LYS A 121 15.60 4.78 5.27
C LYS A 121 14.88 3.94 4.23
N GLU A 122 13.55 3.93 4.35
CA GLU A 122 12.65 3.14 3.52
C GLU A 122 12.61 3.65 2.09
N ALA A 123 12.20 4.90 1.91
CA ALA A 123 12.10 5.44 0.58
C ALA A 123 13.28 5.02 -0.28
N GLU A 124 14.49 5.10 0.26
CA GLU A 124 15.67 4.66 -0.48
C GLU A 124 15.64 3.16 -0.79
N PHE A 125 15.33 2.35 0.22
CA PHE A 125 15.16 0.91 0.02
C PHE A 125 14.28 0.68 -1.16
N LEU A 126 13.12 1.33 -1.14
CA LEU A 126 12.13 1.13 -2.17
C LEU A 126 12.80 1.24 -3.52
N GLN A 127 13.36 2.41 -3.82
CA GLN A 127 14.04 2.63 -5.09
C GLN A 127 14.75 1.37 -5.54
N THR A 128 15.55 0.81 -4.63
CA THR A 128 16.32 -0.39 -4.91
C THR A 128 15.45 -1.62 -5.25
N LEU A 129 14.34 -1.74 -4.52
CA LEU A 129 13.36 -2.78 -4.75
C LEU A 129 12.76 -2.80 -6.16
N LEU A 130 12.45 -1.61 -6.66
CA LEU A 130 11.77 -1.43 -7.95
C LEU A 130 12.07 -2.50 -9.03
N PRO A 131 13.33 -2.61 -9.43
CA PRO A 131 13.62 -3.69 -10.37
C PRO A 131 13.05 -4.99 -9.88
N GLY A 132 13.30 -5.33 -8.63
CA GLY A 132 12.79 -6.58 -8.06
C GLY A 132 11.27 -6.64 -8.13
N TYR A 133 10.67 -5.52 -7.79
CA TYR A 133 9.23 -5.33 -7.89
C TYR A 133 8.76 -5.67 -9.28
N PHE A 134 9.35 -4.99 -10.26
CA PHE A 134 8.98 -5.13 -11.65
C PHE A 134 8.96 -6.60 -11.99
N MET A 135 9.97 -7.33 -11.55
CA MET A 135 10.08 -8.73 -11.94
C MET A 135 8.87 -9.53 -11.42
N ASN A 136 8.67 -9.51 -10.10
CA ASN A 136 7.53 -10.15 -9.46
C ASN A 136 6.27 -9.72 -10.14
N LEU A 137 6.11 -8.42 -10.32
CA LEU A 137 4.92 -7.92 -10.94
C LEU A 137 4.67 -8.60 -12.29
N ASN A 138 5.70 -8.68 -13.13
CA ASN A 138 5.59 -9.32 -14.45
C ASN A 138 5.61 -10.83 -14.41
N GLN A 139 5.41 -11.44 -13.25
CA GLN A 139 5.50 -12.89 -13.14
C GLN A 139 4.36 -13.47 -12.29
N ASN A 140 4.17 -12.93 -11.10
CA ASN A 140 3.01 -13.22 -10.31
C ASN A 140 2.07 -12.09 -10.58
N MET A 141 1.22 -12.34 -11.55
CA MET A 141 0.24 -11.39 -12.04
C MET A 141 -0.74 -11.17 -10.87
N ARG A 142 -1.00 -12.24 -10.12
CA ARG A 142 -1.81 -12.16 -8.90
C ARG A 142 -1.05 -11.84 -7.58
N THR A 143 0.07 -11.10 -7.62
CA THR A 143 0.76 -10.81 -6.37
C THR A 143 -0.15 -10.02 -5.41
N LEU A 144 0.11 -10.25 -4.12
CA LEU A 144 -0.54 -9.57 -3.00
C LEU A 144 0.22 -8.35 -2.56
N LEU A 145 1.42 -8.18 -3.07
CA LEU A 145 2.18 -7.03 -2.69
C LEU A 145 1.44 -5.73 -2.99
N PRO A 146 1.76 -4.69 -2.25
CA PRO A 146 1.17 -3.38 -2.44
C PRO A 146 1.43 -2.82 -3.83
N LYS A 147 0.42 -2.12 -4.35
CA LYS A 147 0.48 -1.55 -5.66
C LYS A 147 0.97 -0.15 -5.48
N PHE A 148 2.25 0.07 -5.79
CA PHE A 148 2.90 1.35 -5.50
C PHE A 148 2.70 2.24 -6.69
N TYR A 149 1.90 3.29 -6.55
CA TYR A 149 1.57 4.14 -7.71
C TYR A 149 2.51 5.31 -7.86
N GLY A 150 3.14 5.73 -6.76
CA GLY A 150 4.05 6.85 -6.82
C GLY A 150 4.91 7.02 -5.60
N LEU A 151 6.00 7.73 -5.80
CA LEU A 151 6.87 8.07 -4.72
C LEU A 151 7.25 9.51 -4.90
N TYR A 152 7.05 10.29 -3.86
CA TYR A 152 7.35 11.71 -3.91
C TYR A 152 7.82 12.20 -2.56
N CYS A 153 8.68 13.21 -2.62
CA CYS A 153 9.15 13.89 -1.43
C CYS A 153 8.78 15.36 -1.59
N VAL A 154 8.49 16.01 -0.45
CA VAL A 154 8.16 17.43 -0.40
C VAL A 154 9.09 18.14 0.59
N GLN A 155 9.57 19.32 0.23
CA GLN A 155 10.51 20.07 1.08
C GLN A 155 9.88 21.34 1.70
N ALA A 156 9.43 21.21 2.96
CA ALA A 156 8.77 22.30 3.69
C ALA A 156 9.78 23.05 4.56
N ASP A 157 10.30 24.15 4.03
CA ASP A 157 11.40 24.88 4.68
C ASP A 157 12.66 24.00 4.64
N GLY A 158 13.21 23.67 5.81
CA GLY A 158 14.22 22.63 5.90
C GLY A 158 13.59 21.25 5.79
N LYS A 159 12.47 21.06 6.47
CA LYS A 159 11.79 19.76 6.58
C LYS A 159 11.59 19.05 5.24
N ASN A 160 11.61 17.72 5.28
CA ASN A 160 11.43 16.82 4.13
C ASN A 160 10.42 15.69 4.37
N ILE A 161 9.42 15.59 3.51
CA ILE A 161 8.42 14.54 3.65
C ILE A 161 8.37 13.65 2.41
N ARG A 162 8.72 12.39 2.64
CA ARG A 162 8.67 11.36 1.64
C ARG A 162 7.27 10.80 1.76
N ILE A 163 6.60 10.57 0.63
CA ILE A 163 5.36 9.79 0.61
C ILE A 163 5.23 8.85 -0.57
N VAL A 164 4.47 7.79 -0.30
CA VAL A 164 4.14 6.76 -1.28
C VAL A 164 2.63 6.69 -1.45
N VAL A 165 2.20 6.59 -2.70
CA VAL A 165 0.81 6.45 -3.02
C VAL A 165 0.56 5.03 -3.49
N MET A 166 -0.62 4.51 -3.19
CA MET A 166 -0.86 3.09 -3.38
C MET A 166 -2.29 2.72 -3.09
N ASN A 167 -2.67 1.57 -3.64
CA ASN A 167 -4.01 1.01 -3.51
C ASN A 167 -4.51 0.87 -2.10
N ASN A 168 -5.61 1.53 -1.79
CA ASN A 168 -6.38 1.18 -0.61
C ASN A 168 -6.96 -0.25 -0.75
N LEU A 169 -6.68 -1.10 0.20
CA LEU A 169 -7.04 -2.49 0.08
C LEU A 169 -8.49 -2.72 0.48
N LEU A 170 -9.12 -1.69 1.04
CA LEU A 170 -10.38 -1.86 1.75
C LEU A 170 -11.20 -0.61 1.56
N PRO A 171 -11.91 -0.54 0.43
CA PRO A 171 -12.68 0.65 0.07
C PRO A 171 -14.00 0.73 0.83
N ARG A 172 -14.59 1.93 0.88
CA ARG A 172 -15.86 2.11 1.58
C ARG A 172 -16.95 1.29 0.87
N ALA A 173 -16.83 1.19 -0.46
CA ALA A 173 -17.76 0.45 -1.32
C ALA A 173 -18.26 -0.87 -0.71
N VAL A 174 -17.42 -1.91 -0.70
CA VAL A 174 -17.69 -3.12 0.10
C VAL A 174 -17.50 -2.72 1.57
N PRO A 175 -18.56 -2.84 2.37
CA PRO A 175 -18.42 -2.47 3.76
C PRO A 175 -17.87 -3.67 4.51
N MET A 176 -16.82 -3.48 5.27
CA MET A 176 -16.16 -4.62 5.89
C MET A 176 -16.71 -4.83 7.28
N HIS A 177 -17.04 -6.07 7.61
CA HIS A 177 -17.60 -6.34 8.93
C HIS A 177 -16.49 -6.59 9.94
N LEU A 178 -15.79 -7.71 9.82
CA LEU A 178 -14.59 -7.99 10.63
C LEU A 178 -13.32 -7.57 9.82
N LYS A 179 -12.33 -6.94 10.48
CA LYS A 179 -11.08 -6.48 9.84
C LYS A 179 -9.83 -6.86 10.64
N PHE A 180 -8.90 -7.62 10.05
CA PHE A 180 -7.70 -8.05 10.79
C PHE A 180 -6.38 -7.65 10.15
N ASP A 181 -5.40 -7.31 11.00
CA ASP A 181 -4.00 -7.13 10.57
C ASP A 181 -3.20 -8.27 11.18
N LEU A 182 -2.66 -9.14 10.33
CA LEU A 182 -2.13 -10.38 10.81
C LEU A 182 -0.70 -10.59 10.40
N LYS A 183 0.11 -11.20 11.27
CA LYS A 183 1.55 -11.38 11.06
C LYS A 183 2.04 -12.80 11.24
N GLY A 184 1.41 -13.54 12.13
CA GLY A 184 1.93 -14.84 12.56
C GLY A 184 2.74 -14.77 13.84
N SER A 185 2.79 -13.60 14.48
CA SER A 185 3.47 -13.42 15.75
C SER A 185 2.42 -13.22 16.82
N THR A 186 2.84 -12.90 18.06
CA THR A 186 1.92 -12.75 19.20
C THR A 186 2.19 -11.61 20.19
N TYR A 187 3.45 -11.16 20.33
CA TYR A 187 3.78 -10.05 21.25
C TYR A 187 2.97 -8.82 20.86
N LYS A 188 2.18 -8.31 21.82
CA LYS A 188 1.27 -7.18 21.58
C LYS A 188 0.30 -7.41 20.38
N ARG A 189 0.01 -8.67 20.06
CA ARG A 189 -0.81 -9.02 18.91
C ARG A 189 -2.31 -9.20 19.29
N ARG A 190 -2.77 -8.23 20.11
CA ARG A 190 -4.17 -8.00 20.48
C ARG A 190 -4.44 -6.51 20.22
N ALA A 191 -5.68 -6.20 19.85
CA ALA A 191 -6.06 -4.84 19.47
C ALA A 191 -6.30 -3.98 20.71
N SER A 192 -5.61 -2.83 20.76
CA SER A 192 -5.62 -2.00 21.96
C SER A 192 -7.05 -1.61 22.32
N PRO A 193 -7.38 -1.61 23.62
CA PRO A 193 -8.62 -1.05 24.10
C PRO A 193 -9.15 0.11 23.25
N LYS A 194 -8.32 1.13 23.05
CA LYS A 194 -8.68 2.29 22.20
C LYS A 194 -9.24 1.79 20.87
N GLU A 195 -8.45 0.98 20.18
CA GLU A 195 -8.78 0.45 18.86
C GLU A 195 -10.14 -0.26 18.86
N ARG A 196 -10.44 -1.03 19.90
CA ARG A 196 -11.64 -1.88 19.91
C ARG A 196 -12.90 -1.00 20.08
N SER A 197 -12.71 0.17 20.67
CA SER A 197 -13.74 1.18 20.74
C SER A 197 -13.95 1.90 19.39
N LYS A 198 -14.15 1.15 18.31
CA LYS A 198 -14.26 1.73 16.96
C LYS A 198 -15.26 0.92 16.13
N GLY A 199 -15.44 1.34 14.87
CA GLY A 199 -16.44 0.78 13.97
C GLY A 199 -16.25 -0.70 13.74
N VAL A 200 -15.62 -1.07 12.62
CA VAL A 200 -15.26 -2.45 12.33
C VAL A 200 -13.75 -2.58 12.59
N PRO A 201 -13.33 -2.48 13.87
CA PRO A 201 -11.96 -2.07 14.18
C PRO A 201 -10.92 -3.09 13.77
N THR A 202 -9.72 -2.61 13.47
CA THR A 202 -8.64 -3.44 12.93
C THR A 202 -8.04 -4.33 14.01
N TYR A 203 -8.36 -5.63 13.95
CA TYR A 203 -8.02 -6.56 15.02
C TYR A 203 -6.59 -7.07 14.88
N LYS A 204 -6.33 -8.31 15.28
CA LYS A 204 -5.00 -8.84 15.27
C LYS A 204 -4.98 -10.31 15.61
N ASP A 205 -3.81 -10.91 15.47
CA ASP A 205 -3.70 -12.36 15.48
C ASP A 205 -4.55 -12.99 16.55
N LEU A 206 -4.35 -12.54 17.78
CA LEU A 206 -4.94 -13.21 18.92
C LEU A 206 -6.46 -13.04 18.90
N ASP A 207 -6.89 -11.82 18.57
CA ASP A 207 -8.30 -11.48 18.43
C ASP A 207 -8.89 -12.39 17.37
N PHE A 208 -8.18 -12.58 16.28
CA PHE A 208 -8.64 -13.54 15.28
C PHE A 208 -8.73 -14.94 15.88
N MET A 209 -7.61 -15.37 16.43
CA MET A 209 -7.50 -16.69 17.02
C MET A 209 -8.60 -16.94 18.04
N GLN A 210 -8.91 -15.91 18.84
CA GLN A 210 -9.99 -15.97 19.82
C GLN A 210 -11.32 -16.00 19.09
N ASP A 211 -11.64 -14.89 18.42
CA ASP A 211 -12.96 -14.66 17.82
C ASP A 211 -13.27 -15.49 16.58
N MET A 212 -12.38 -16.39 16.19
CA MET A 212 -12.57 -17.08 14.92
C MET A 212 -11.82 -18.40 14.79
N PRO A 213 -11.98 -19.29 15.77
CA PRO A 213 -11.02 -20.36 15.87
C PRO A 213 -11.24 -21.49 14.87
N GLU A 214 -12.43 -21.53 14.26
CA GLU A 214 -12.73 -22.53 13.22
C GLU A 214 -12.20 -22.05 11.84
N GLY A 215 -11.82 -20.78 11.76
CA GLY A 215 -11.02 -20.28 10.64
C GLY A 215 -11.82 -19.51 9.60
N ILE A 216 -11.20 -19.26 8.46
CA ILE A 216 -11.92 -18.80 7.26
C ILE A 216 -11.88 -19.94 6.27
N LEU A 217 -13.06 -20.48 5.94
CA LEU A 217 -13.17 -21.69 5.11
C LEU A 217 -13.08 -21.30 3.62
N LEU A 218 -12.49 -22.19 2.81
CA LEU A 218 -12.15 -21.86 1.43
C LEU A 218 -12.29 -23.02 0.45
N GLU A 219 -12.98 -22.74 -0.66
CA GLU A 219 -13.26 -23.76 -1.67
C GLU A 219 -11.93 -24.17 -2.29
N ASN A 220 -11.45 -25.36 -1.90
CA ASN A 220 -10.20 -25.89 -2.41
C ASN A 220 -9.47 -24.98 -3.43
N ASP A 221 -10.02 -24.86 -4.64
CA ASP A 221 -9.37 -24.13 -5.75
C ASP A 221 -8.93 -22.72 -5.44
N HIS A 222 -9.76 -22.01 -4.68
CA HIS A 222 -9.40 -20.67 -4.19
C HIS A 222 -8.31 -20.71 -3.15
N TYR A 223 -8.40 -21.69 -2.24
CA TYR A 223 -7.37 -21.86 -1.24
C TYR A 223 -5.98 -22.02 -1.87
N THR A 224 -5.91 -22.60 -3.07
CA THR A 224 -4.63 -22.77 -3.74
C THR A 224 -4.10 -21.49 -4.36
N ALA A 225 -4.87 -20.92 -5.28
CA ALA A 225 -4.52 -19.64 -5.88
C ALA A 225 -3.89 -18.76 -4.85
N LEU A 226 -4.58 -18.59 -3.73
CA LEU A 226 -4.04 -17.83 -2.62
C LEU A 226 -2.75 -18.42 -2.11
N SER A 227 -2.81 -19.66 -1.65
CA SER A 227 -1.65 -20.29 -1.07
C SER A 227 -0.41 -20.09 -1.92
N ARG A 228 -0.48 -20.51 -3.17
CA ARG A 228 0.70 -20.44 -4.03
C ARG A 228 1.13 -18.99 -4.17
N THR A 229 0.17 -18.11 -4.33
CA THR A 229 0.48 -16.73 -4.59
C THR A 229 1.01 -16.04 -3.39
N MET A 230 0.72 -16.55 -2.22
CA MET A 230 1.40 -16.04 -1.05
C MET A 230 2.84 -16.51 -1.07
N GLN A 231 2.97 -17.83 -1.05
CA GLN A 231 4.26 -18.48 -1.03
C GLN A 231 5.22 -17.81 -2.02
N ARG A 232 4.68 -17.23 -3.10
CA ARG A 232 5.49 -16.50 -4.06
C ARG A 232 5.96 -15.18 -3.50
N ASP A 233 4.99 -14.41 -3.01
CA ASP A 233 5.24 -13.11 -2.42
C ASP A 233 6.21 -13.18 -1.27
N CYS A 234 6.03 -14.16 -0.42
CA CYS A 234 7.01 -14.41 0.62
C CYS A 234 8.40 -14.59 0.05
N ARG A 235 8.55 -15.51 -0.89
CA ARG A 235 9.86 -15.78 -1.43
C ARG A 235 10.51 -14.51 -1.99
N VAL A 236 9.74 -13.61 -2.60
CA VAL A 236 10.31 -12.33 -2.97
C VAL A 236 10.86 -11.66 -1.75
N LEU A 237 9.97 -11.42 -0.79
CA LEU A 237 10.21 -10.52 0.32
C LEU A 237 11.37 -10.94 1.21
N GLN A 238 11.32 -12.22 1.56
CA GLN A 238 12.46 -12.99 1.98
C GLN A 238 13.67 -12.46 1.28
N SER A 239 13.78 -12.71 -0.02
CA SER A 239 14.97 -12.35 -0.76
C SER A 239 15.40 -10.93 -0.56
N PHE A 240 14.49 -10.03 -0.21
CA PHE A 240 14.88 -8.64 -0.01
C PHE A 240 15.19 -8.29 1.44
N LYS A 241 15.46 -9.33 2.23
CA LYS A 241 15.75 -9.19 3.63
C LYS A 241 14.70 -8.26 4.31
N ILE A 242 13.41 -8.60 4.14
CA ILE A 242 12.30 -7.75 4.59
C ILE A 242 11.49 -8.40 5.70
N MET A 243 11.05 -7.57 6.63
CA MET A 243 10.34 -8.03 7.83
C MET A 243 9.14 -7.12 8.26
N ASP A 244 8.57 -7.44 9.44
CA ASP A 244 7.32 -6.87 10.01
C ASP A 244 6.07 -6.74 9.08
N TYR A 245 6.07 -7.41 7.92
CA TYR A 245 4.91 -7.29 7.01
C TYR A 245 3.69 -7.99 7.59
N SER A 246 2.52 -7.43 7.31
CA SER A 246 1.25 -8.03 7.73
C SER A 246 0.39 -8.42 6.54
N LEU A 247 -0.49 -9.37 6.76
CA LEU A 247 -1.59 -9.62 5.85
C LEU A 247 -2.77 -8.87 6.39
N LEU A 248 -3.27 -7.94 5.61
CA LEU A 248 -4.44 -7.17 5.98
C LEU A 248 -5.66 -7.86 5.42
N VAL A 249 -6.59 -8.23 6.29
CA VAL A 249 -7.73 -8.98 5.83
C VAL A 249 -9.03 -8.27 6.14
N GLY A 250 -9.91 -8.22 5.14
CA GLY A 250 -11.27 -7.70 5.31
C GLY A 250 -12.31 -8.76 4.98
N ILE A 251 -12.99 -9.29 6.01
CA ILE A 251 -14.10 -10.24 5.84
C ILE A 251 -15.40 -9.43 5.72
N HIS A 252 -16.27 -9.88 4.82
CA HIS A 252 -17.59 -9.29 4.61
C HIS A 252 -18.66 -10.39 4.49
N ILE A 253 -19.41 -10.62 5.59
CA ILE A 253 -20.65 -11.41 5.55
C ILE A 253 -21.70 -10.63 4.74
N LEU A 254 -22.60 -11.31 4.02
CA LEU A 254 -23.42 -10.61 2.99
C LEU A 254 -24.98 -10.77 2.96
N HIS A 255 -25.55 -11.57 3.86
CA HIS A 255 -27.02 -11.73 3.97
C HIS A 255 -27.68 -12.16 2.65
N MET A 302 -18.57 -7.03 -6.87
CA MET A 302 -17.87 -8.31 -6.95
C MET A 302 -16.44 -8.13 -7.44
N GLY A 303 -15.51 -7.93 -6.49
CA GLY A 303 -14.08 -7.85 -6.80
C GLY A 303 -13.23 -8.29 -5.62
N GLY A 304 -13.61 -9.39 -4.96
CA GLY A 304 -12.91 -9.95 -3.79
C GLY A 304 -12.98 -11.48 -3.79
N ILE A 305 -12.65 -12.12 -2.66
CA ILE A 305 -12.58 -13.58 -2.64
C ILE A 305 -13.78 -14.27 -1.98
N PRO A 306 -14.26 -15.36 -2.56
CA PRO A 306 -15.35 -16.15 -1.97
C PRO A 306 -14.97 -17.04 -0.79
N ALA A 307 -15.66 -16.89 0.34
CA ALA A 307 -15.43 -17.77 1.47
C ALA A 307 -16.75 -18.26 2.08
N PHE A 308 -16.63 -19.26 2.95
CA PHE A 308 -17.72 -19.82 3.73
C PHE A 308 -17.28 -19.81 5.24
N ASN A 309 -18.26 -19.93 6.14
CA ASN A 309 -18.15 -19.50 7.54
C ASN A 309 -18.01 -20.63 8.59
N SER A 310 -17.56 -20.26 9.79
CA SER A 310 -17.63 -21.15 10.95
C SER A 310 -19.06 -21.65 11.11
N LYS A 311 -20.01 -20.70 11.15
CA LYS A 311 -21.45 -20.96 11.01
C LYS A 311 -21.64 -21.52 9.59
N GLY A 312 -21.93 -20.67 8.62
CA GLY A 312 -21.95 -21.13 7.25
C GLY A 312 -22.26 -20.12 6.16
N GLU A 313 -22.32 -18.83 6.51
CA GLU A 313 -22.64 -17.74 5.55
C GLU A 313 -21.58 -17.53 4.43
N ARG A 314 -22.05 -17.24 3.22
CA ARG A 314 -21.13 -16.89 2.14
C ARG A 314 -20.43 -15.55 2.45
N LEU A 315 -19.21 -15.40 1.92
CA LEU A 315 -18.28 -14.32 2.30
C LEU A 315 -17.46 -13.81 1.12
N LEU A 316 -17.43 -12.48 0.94
CA LEU A 316 -16.44 -11.83 0.08
C LEU A 316 -15.32 -11.23 0.99
N VAL A 317 -14.11 -11.78 0.83
CA VAL A 317 -12.93 -11.48 1.65
C VAL A 317 -11.93 -10.67 0.84
N PHE A 318 -11.15 -9.82 1.51
CA PHE A 318 -10.22 -8.92 0.82
C PHE A 318 -8.86 -8.83 1.48
N ILE A 319 -7.81 -9.16 0.74
CA ILE A 319 -6.45 -9.16 1.29
C ILE A 319 -5.32 -8.43 0.54
N GLY A 320 -4.24 -8.22 1.27
CA GLY A 320 -3.05 -7.67 0.66
C GLY A 320 -1.95 -7.52 1.70
N ILE A 321 -0.77 -8.00 1.35
CA ILE A 321 0.37 -7.90 2.21
C ILE A 321 0.76 -6.44 2.24
N ILE A 322 1.27 -5.99 3.40
CA ILE A 322 1.57 -4.57 3.64
C ILE A 322 2.75 -4.32 4.56
N ASP A 323 3.15 -3.05 4.65
CA ASP A 323 4.25 -2.62 5.54
C ASP A 323 5.53 -3.40 5.22
N ILE A 324 6.08 -3.06 4.06
CA ILE A 324 7.00 -3.93 3.36
C ILE A 324 8.42 -3.33 3.18
N LEU A 325 8.62 -2.11 3.66
CA LEU A 325 9.84 -1.38 3.38
C LEU A 325 10.92 -1.47 4.44
N GLN A 326 10.55 -1.83 5.67
CA GLN A 326 11.56 -2.11 6.72
C GLN A 326 12.31 -3.41 6.35
N SER A 327 13.57 -3.25 5.90
CA SER A 327 14.42 -4.35 5.43
C SER A 327 15.78 -4.37 6.10
N TYR A 328 16.07 -5.43 6.86
CA TYR A 328 17.41 -5.71 7.40
C TYR A 328 18.55 -5.79 6.35
N ARG A 329 18.47 -5.00 5.26
CA ARG A 329 19.17 -5.30 3.97
C ARG A 329 20.69 -4.98 3.92
N SER A 349 20.16 -10.99 11.90
CA SER A 349 20.69 -12.34 11.65
C SER A 349 20.56 -12.80 10.20
N VAL A 350 21.39 -13.77 9.83
CA VAL A 350 21.44 -14.29 8.44
C VAL A 350 20.12 -14.88 7.86
N HIS A 351 19.36 -15.62 8.69
CA HIS A 351 18.20 -16.38 8.23
C HIS A 351 16.88 -15.83 8.70
N ARG A 352 16.89 -14.70 9.39
CA ARG A 352 15.70 -14.21 10.11
C ARG A 352 14.50 -13.84 9.22
N PRO A 353 14.74 -13.15 8.11
CA PRO A 353 13.62 -12.85 7.24
C PRO A 353 13.09 -14.13 6.65
N SER A 354 14.02 -14.99 6.24
CA SER A 354 13.68 -16.29 5.70
C SER A 354 12.77 -17.05 6.65
N PHE A 355 13.03 -16.89 7.94
CA PHE A 355 12.18 -17.41 8.98
C PHE A 355 10.81 -16.69 8.97
N TYR A 356 10.79 -15.38 9.18
CA TYR A 356 9.52 -14.63 9.28
C TYR A 356 8.55 -14.89 8.12
N ALA A 357 9.11 -15.17 6.95
CA ALA A 357 8.32 -15.55 5.81
C ALA A 357 7.61 -16.89 6.02
N ASP A 358 8.34 -17.92 6.46
CA ASP A 358 7.73 -19.24 6.68
C ASP A 358 6.66 -19.25 7.75
N ARG A 359 6.86 -18.46 8.79
CA ARG A 359 5.88 -18.36 9.83
C ARG A 359 4.60 -17.73 9.25
N PHE A 360 4.76 -16.54 8.69
CA PHE A 360 3.68 -15.81 8.02
C PHE A 360 2.93 -16.74 7.10
N GLN A 361 3.69 -17.51 6.32
CA GLN A 361 3.13 -18.51 5.42
C GLN A 361 2.25 -19.50 6.15
N LYS A 362 2.89 -20.36 6.94
CA LYS A 362 2.20 -21.44 7.59
C LYS A 362 1.02 -20.83 8.29
N PHE A 363 1.24 -19.74 9.03
CA PHE A 363 0.13 -19.15 9.74
C PHE A 363 -1.11 -18.83 8.92
N MET A 364 -0.96 -18.10 7.82
CA MET A 364 -2.13 -17.73 7.00
C MET A 364 -2.70 -18.92 6.27
N CYS A 365 -1.81 -19.74 5.73
CA CYS A 365 -2.25 -20.87 4.98
C CYS A 365 -2.58 -22.11 5.80
N SER A 366 -2.69 -21.98 7.11
CA SER A 366 -3.11 -23.11 7.93
C SER A 366 -4.19 -22.72 8.90
N THR A 367 -3.90 -21.72 9.71
CA THR A 367 -4.86 -21.16 10.62
C THR A 367 -5.84 -20.20 9.96
N VAL A 368 -5.35 -19.17 9.27
CA VAL A 368 -6.22 -18.06 8.90
C VAL A 368 -7.13 -18.44 7.77
N PHE A 369 -6.62 -19.24 6.85
CA PHE A 369 -7.44 -19.82 5.79
C PHE A 369 -7.22 -21.33 5.78
N ARG A 370 -8.31 -22.07 5.58
CA ARG A 370 -8.22 -23.54 5.53
C ARG A 370 -9.19 -24.13 4.48
N LYS A 371 -8.86 -25.33 3.98
CA LYS A 371 -9.45 -25.88 2.75
C LYS A 371 -10.73 -26.65 3.05
N SER A 372 -11.60 -26.79 2.06
CA SER A 372 -12.86 -27.58 2.19
C SER A 372 -13.81 -26.97 3.22
#